data_2W8Y
#
_entry.id   2W8Y
#
_cell.length_a   58.164
_cell.length_b   63.897
_cell.length_c   70.051
_cell.angle_alpha   90.00
_cell.angle_beta   95.57
_cell.angle_gamma   90.00
#
_symmetry.space_group_name_H-M   'P 1 21 1'
#
loop_
_entity.id
_entity.type
_entity.pdbx_description
1 polymer 'PROGESTERONE RECEPTOR'
2 non-polymer '11-(4-DIMETHYLAMINO-PHENYL)-17-HYDROXY-13-METHYL-17-PROP-1-YNYL-1,2,6,7,8,11,12,13,14,15,16,17-DODEC AHYDRO-CYCLOPENTA[A]PHENANTHREN-3-ONE'
3 non-polymer 'SULFATE ION'
4 non-polymer (14beta,17alpha)-17-ethynyl-17-hydroxyestr-4-en-3-one
5 non-polymer 1,2-ETHANEDIOL
6 water water
#
_entity_poly.entity_id   1
_entity_poly.type   'polypeptide(L)'
_entity_poly.pdbx_seq_one_letter_code
;GSHMGQDIQLIPPLINLLMSIEPDVIYAGHDNTKPDTSSSLLTSLNQLGERQLLSVVKWSKSLPGFRNLHIDDQITLIQY
SWMSLMVFGLGWRSYKHVSGQMLYFAPDLILNEQRMKESSFYSLCLTMWQIPQEFVKLQVSQEEFLCMKVLLLLNTIPLE
GLRSQTQFEEMRSSYIRELIKAIGLRQKGVVSSSQRFYQLTKLLDNLHDLVKQLHLYCLNTFIQSRALSVEFPEMMSEVI
AAQLPKILAGMVKPLLFHKK
;
_entity_poly.pdbx_strand_id   A,B
#
loop_
_chem_comp.id
_chem_comp.type
_chem_comp.name
_chem_comp.formula
486 non-polymer '11-(4-DIMETHYLAMINO-PHENYL)-17-HYDROXY-13-METHYL-17-PROP-1-YNYL-1,2,6,7,8,11,12,13,14,15,16,17-DODEC AHYDRO-CYCLOPENTA[A]PHENANTHREN-3-ONE' 'C29 H35 N O2'
EDO non-polymer 1,2-ETHANEDIOL 'C2 H6 O2'
NDR non-polymer (14beta,17alpha)-17-ethynyl-17-hydroxyestr-4-en-3-one 'C20 H26 O2'
SO4 non-polymer 'SULFATE ION' 'O4 S -2'
#
# COMPACT_ATOMS: atom_id res chain seq x y z
N LEU A 10 -11.03 3.50 -26.67
CA LEU A 10 -10.75 3.21 -25.23
C LEU A 10 -9.26 3.11 -24.97
N ILE A 11 -8.87 3.09 -23.70
CA ILE A 11 -7.45 3.06 -23.33
C ILE A 11 -6.91 1.63 -23.41
N PRO A 12 -5.74 1.44 -24.07
CA PRO A 12 -5.15 0.10 -24.13
C PRO A 12 -4.82 -0.45 -22.74
N PRO A 13 -4.96 -1.77 -22.55
CA PRO A 13 -4.86 -2.35 -21.21
C PRO A 13 -3.54 -2.08 -20.49
N LEU A 14 -2.42 -2.07 -21.20
CA LEU A 14 -1.14 -1.79 -20.52
C LEU A 14 -1.09 -0.35 -19.97
N ILE A 15 -1.66 0.61 -20.71
CA ILE A 15 -1.70 1.99 -20.21
C ILE A 15 -2.60 2.04 -18.97
N ASN A 16 -3.71 1.33 -19.02
CA ASN A 16 -4.60 1.20 -17.88
C ASN A 16 -3.93 0.60 -16.65
N LEU A 17 -3.16 -0.46 -16.87
CA LEU A 17 -2.34 -1.04 -15.80
C LEU A 17 -1.36 -0.02 -15.22
N LEU A 18 -0.66 0.69 -16.10
CA LEU A 18 0.30 1.71 -15.66
C LEU A 18 -0.35 2.78 -14.78
N MET A 19 -1.54 3.25 -15.14
CA MET A 19 -2.22 4.23 -14.30
CA MET A 19 -2.30 4.20 -14.33
C MET A 19 -2.51 3.63 -12.93
N SER A 20 -2.98 2.38 -12.88
CA SER A 20 -3.34 1.74 -11.62
C SER A 20 -2.15 1.54 -10.66
N ILE A 21 -0.93 1.42 -11.19
CA ILE A 21 0.25 1.19 -10.32
C ILE A 21 1.03 2.46 -10.00
N GLU A 22 0.54 3.61 -10.44
CA GLU A 22 1.14 4.88 -10.06
C GLU A 22 1.19 5.03 -8.53
N PRO A 23 2.31 5.55 -8.01
CA PRO A 23 2.35 5.78 -6.56
C PRO A 23 1.31 6.78 -6.10
N ASP A 24 0.83 6.65 -4.87
CA ASP A 24 0.02 7.70 -4.27
C ASP A 24 0.86 8.96 -4.03
N VAL A 25 0.16 10.02 -3.64
CA VAL A 25 0.77 11.27 -3.21
C VAL A 25 1.83 11.04 -2.12
N ILE A 26 2.99 11.68 -2.27
CA ILE A 26 4.08 11.56 -1.29
C ILE A 26 4.46 12.92 -0.71
N TYR A 27 4.49 13.00 0.63
CA TYR A 27 4.80 14.22 1.35
C TYR A 27 6.28 14.34 1.68
N ALA A 28 6.78 15.56 1.78
CA ALA A 28 8.16 15.83 2.15
C ALA A 28 8.39 15.76 3.66
N GLY A 29 7.32 16.00 4.43
CA GLY A 29 7.44 16.19 5.88
C GLY A 29 8.06 17.52 6.26
N HIS A 30 8.00 18.50 5.37
CA HIS A 30 8.59 19.81 5.60
C HIS A 30 7.79 20.62 6.63
N ASP A 31 8.50 21.31 7.51
CA ASP A 31 7.88 22.18 8.51
C ASP A 31 7.70 23.58 7.91
N ASN A 32 6.47 23.87 7.49
CA ASN A 32 6.17 25.14 6.83
C ASN A 32 5.91 26.29 7.79
N THR A 33 6.00 26.05 9.10
CA THR A 33 5.78 27.10 10.09
C THR A 33 7.04 27.93 10.32
N LYS A 34 8.18 27.45 9.85
CA LYS A 34 9.47 28.14 9.97
C LYS A 34 9.94 28.64 8.60
N PRO A 35 10.68 29.76 8.55
CA PRO A 35 11.15 30.29 7.27
C PRO A 35 12.22 29.41 6.60
N ASP A 36 12.22 29.39 5.26
CA ASP A 36 13.20 28.59 4.51
C ASP A 36 14.64 28.93 4.85
N THR A 37 15.49 27.92 4.86
CA THR A 37 16.93 28.11 4.84
C THR A 37 17.50 27.16 3.80
N SER A 38 18.70 27.45 3.32
CA SER A 38 19.42 26.55 2.43
C SER A 38 19.41 25.12 2.99
N SER A 39 19.76 24.96 4.26
CA SER A 39 19.89 23.63 4.87
C SER A 39 18.54 22.90 5.02
N SER A 40 17.53 23.63 5.49
CA SER A 40 16.22 23.04 5.75
C SER A 40 15.57 22.56 4.46
N LEU A 41 15.59 23.40 3.43
CA LEU A 41 15.02 23.05 2.11
C LEU A 41 15.73 21.85 1.49
N LEU A 42 17.06 21.89 1.49
CA LEU A 42 17.84 20.81 0.90
C LEU A 42 17.59 19.50 1.63
N THR A 43 17.50 19.57 2.95
CA THR A 43 17.20 18.39 3.77
C THR A 43 15.80 17.83 3.51
N SER A 44 14.80 18.71 3.44
CA SER A 44 13.45 18.25 3.10
C SER A 44 13.44 17.62 1.72
N LEU A 45 14.17 18.21 0.77
CA LEU A 45 14.25 17.65 -0.57
C LEU A 45 14.87 16.25 -0.56
N ASN A 46 15.90 16.07 0.28
CA ASN A 46 16.56 14.77 0.45
C ASN A 46 15.66 13.75 1.12
N GLN A 47 14.88 14.19 2.10
CA GLN A 47 13.91 13.31 2.76
C GLN A 47 12.84 12.86 1.77
N LEU A 48 12.33 13.82 0.98
CA LEU A 48 11.33 13.53 -0.04
C LEU A 48 11.89 12.59 -1.11
N GLY A 49 13.14 12.84 -1.50
CA GLY A 49 13.84 11.99 -2.45
C GLY A 49 13.92 10.54 -2.01
N GLU A 50 14.24 10.34 -0.74
CA GLU A 50 14.29 9.00 -0.15
C GLU A 50 12.94 8.29 -0.26
N ARG A 51 11.90 9.01 0.16
CA ARG A 51 10.52 8.52 0.05
C ARG A 51 10.13 8.23 -1.39
N GLN A 52 10.45 9.13 -2.32
CA GLN A 52 10.16 8.89 -3.72
C GLN A 52 10.93 7.70 -4.29
N LEU A 53 12.16 7.49 -3.81
CA LEU A 53 12.95 6.33 -4.24
C LEU A 53 12.30 5.02 -3.81
N LEU A 54 11.85 4.95 -2.56
CA LEU A 54 11.16 3.75 -2.08
C LEU A 54 9.91 3.47 -2.92
N SER A 55 9.24 4.55 -3.29
CA SER A 55 8.06 4.51 -4.12
C SER A 55 8.37 3.99 -5.53
N VAL A 56 9.45 4.49 -6.12
CA VAL A 56 9.94 3.97 -7.40
C VAL A 56 10.27 2.48 -7.32
N VAL A 57 10.91 2.05 -6.23
CA VAL A 57 11.24 0.63 -6.09
C VAL A 57 9.94 -0.20 -6.06
N LYS A 58 8.95 0.23 -5.28
CA LYS A 58 7.67 -0.48 -5.17
C LYS A 58 6.96 -0.51 -6.51
N TRP A 59 6.89 0.64 -7.18
CA TRP A 59 6.32 0.74 -8.52
C TRP A 59 6.97 -0.26 -9.50
N SER A 60 8.30 -0.35 -9.42
CA SER A 60 9.07 -1.18 -10.33
C SER A 60 8.70 -2.65 -10.17
N LYS A 61 8.39 -3.04 -8.93
CA LYS A 61 7.99 -4.41 -8.64
C LYS A 61 6.66 -4.82 -9.28
N SER A 62 5.82 -3.82 -9.58
CA SER A 62 4.51 -4.02 -10.20
C SER A 62 4.54 -3.74 -11.71
N LEU A 63 5.64 -3.20 -12.19
CA LEU A 63 5.77 -2.78 -13.60
C LEU A 63 5.96 -3.98 -14.56
N PRO A 64 4.98 -4.23 -15.46
CA PRO A 64 5.07 -5.43 -16.30
C PRO A 64 6.40 -5.55 -17.05
N GLY A 65 7.05 -6.69 -16.89
CA GLY A 65 8.33 -6.99 -17.55
C GLY A 65 9.52 -6.82 -16.64
N PHE A 66 9.47 -5.87 -15.72
CA PHE A 66 10.67 -5.46 -15.01
C PHE A 66 11.19 -6.54 -14.08
N ARG A 67 10.30 -7.17 -13.33
CA ARG A 67 10.68 -8.23 -12.37
C ARG A 67 11.35 -9.45 -13.01
N ASN A 68 11.24 -9.57 -14.33
CA ASN A 68 11.78 -10.69 -15.07
C ASN A 68 13.18 -10.42 -15.62
N LEU A 69 13.64 -9.17 -15.52
CA LEU A 69 15.05 -8.85 -15.73
C LEU A 69 15.85 -9.40 -14.54
N HIS A 70 17.11 -9.77 -14.78
CA HIS A 70 18.01 -10.15 -13.70
C HIS A 70 17.98 -9.09 -12.58
N ILE A 71 18.07 -9.53 -11.33
CA ILE A 71 17.98 -8.60 -10.19
C ILE A 71 19.06 -7.51 -10.25
N ASP A 72 20.26 -7.87 -10.70
CA ASP A 72 21.36 -6.92 -10.89
C ASP A 72 20.96 -5.82 -11.88
N ASP A 73 20.30 -6.21 -12.97
CA ASP A 73 19.82 -5.26 -13.98
C ASP A 73 18.75 -4.34 -13.41
N GLN A 74 17.86 -4.87 -12.59
CA GLN A 74 16.81 -4.07 -11.98
C GLN A 74 17.46 -2.99 -11.12
N ILE A 75 18.48 -3.37 -10.37
CA ILE A 75 19.16 -2.45 -9.45
C ILE A 75 19.90 -1.38 -10.24
N THR A 76 20.61 -1.79 -11.27
CA THR A 76 21.35 -0.87 -12.13
C THR A 76 20.42 0.16 -12.76
N LEU A 77 19.32 -0.30 -13.35
CA LEU A 77 18.40 0.59 -14.04
C LEU A 77 17.76 1.59 -13.08
N ILE A 78 17.44 1.17 -11.87
CA ILE A 78 16.93 2.11 -10.88
C ILE A 78 18.03 3.11 -10.49
N GLN A 79 19.24 2.61 -10.25
CA GLN A 79 20.37 3.49 -9.94
C GLN A 79 20.69 4.51 -11.04
N TYR A 80 20.52 4.11 -12.31
CA TYR A 80 20.79 5.01 -13.43
C TYR A 80 19.69 6.06 -13.63
N SER A 81 18.45 5.68 -13.37
CA SER A 81 17.28 6.44 -13.82
C SER A 81 16.56 7.25 -12.74
N TRP A 82 16.90 7.11 -11.47
CA TRP A 82 16.04 7.71 -10.43
C TRP A 82 15.91 9.23 -10.57
N MET A 83 16.98 9.92 -10.97
CA MET A 83 16.93 11.37 -11.08
C MET A 83 15.96 11.77 -12.18
N SER A 84 16.07 11.09 -13.32
CA SER A 84 15.17 11.33 -14.45
CA SER A 84 15.17 11.34 -14.45
C SER A 84 13.72 11.10 -14.05
N LEU A 85 13.46 9.99 -13.36
CA LEU A 85 12.10 9.65 -12.95
C LEU A 85 11.55 10.70 -11.98
N MET A 86 12.40 11.18 -11.07
CA MET A 86 11.94 12.17 -10.08
C MET A 86 11.67 13.54 -10.69
N VAL A 87 12.54 13.99 -11.59
CA VAL A 87 12.33 15.32 -12.20
C VAL A 87 11.15 15.28 -13.17
N PHE A 88 10.98 14.16 -13.87
CA PHE A 88 9.82 13.96 -14.75
C PHE A 88 8.53 13.96 -13.94
N GLY A 89 8.52 13.20 -12.84
CA GLY A 89 7.38 13.23 -11.92
C GLY A 89 7.09 14.63 -11.42
N LEU A 90 8.14 15.34 -10.99
CA LEU A 90 8.02 16.72 -10.55
C LEU A 90 7.35 17.60 -11.61
N GLY A 91 7.79 17.44 -12.86
CA GLY A 91 7.16 18.14 -13.97
C GLY A 91 5.68 17.81 -14.09
N TRP A 92 5.34 16.53 -13.96
CA TRP A 92 3.95 16.12 -14.12
C TRP A 92 3.04 16.74 -13.05
N ARG A 93 3.46 16.63 -11.80
CA ARG A 93 2.69 17.16 -10.68
C ARG A 93 2.53 18.67 -10.79
N SER A 94 3.57 19.35 -11.24
CA SER A 94 3.54 20.81 -11.36
C SER A 94 2.55 21.20 -12.46
N TYR A 95 2.62 20.48 -13.57
CA TYR A 95 1.71 20.67 -14.71
C TYR A 95 0.25 20.44 -14.28
N LYS A 96 0.00 19.34 -13.58
CA LYS A 96 -1.36 18.91 -13.26
C LYS A 96 -2.01 19.68 -12.09
N HIS A 97 -1.24 20.01 -11.06
CA HIS A 97 -1.79 20.65 -9.84
C HIS A 97 -1.73 22.18 -9.82
N VAL A 98 -0.67 22.75 -10.39
CA VAL A 98 -0.47 24.20 -10.34
C VAL A 98 -0.23 24.82 -11.73
N SER A 99 -0.80 24.20 -12.77
CA SER A 99 -0.76 24.71 -14.14
C SER A 99 0.67 24.91 -14.66
N GLY A 100 1.62 24.17 -14.10
CA GLY A 100 3.02 24.30 -14.47
C GLY A 100 3.75 25.51 -13.93
N GLN A 101 3.09 26.33 -13.09
CA GLN A 101 3.61 27.65 -12.73
C GLN A 101 4.20 27.72 -11.32
N MET A 102 4.34 26.56 -10.68
CA MET A 102 5.08 26.41 -9.46
C MET A 102 5.79 25.06 -9.57
N LEU A 103 6.82 24.84 -8.75
CA LEU A 103 7.42 23.50 -8.64
C LEU A 103 6.73 22.74 -7.51
N TYR A 104 5.98 21.70 -7.89
CA TYR A 104 5.14 20.93 -6.98
C TYR A 104 5.94 19.68 -6.57
N PHE A 105 6.91 19.85 -5.68
CA PHE A 105 7.71 18.71 -5.18
C PHE A 105 6.83 17.75 -4.41
N ALA A 106 6.01 18.31 -3.53
CA ALA A 106 5.00 17.57 -2.77
C ALA A 106 3.90 18.56 -2.36
N PRO A 107 2.78 18.04 -1.82
CA PRO A 107 1.71 18.94 -1.37
C PRO A 107 2.14 19.89 -0.25
N ASP A 108 3.13 19.47 0.54
CA ASP A 108 3.70 20.27 1.64
C ASP A 108 5.07 20.89 1.27
N LEU A 109 5.46 20.80 0.01
CA LEU A 109 6.66 21.45 -0.48
C LEU A 109 6.42 21.93 -1.92
N ILE A 110 5.83 23.13 -2.01
CA ILE A 110 5.49 23.76 -3.28
C ILE A 110 6.26 25.07 -3.36
N LEU A 111 7.09 25.23 -4.39
CA LEU A 111 7.86 26.46 -4.57
C LEU A 111 7.29 27.26 -5.75
N ASN A 112 6.61 28.36 -5.46
CA ASN A 112 6.30 29.36 -6.49
C ASN A 112 7.58 30.11 -6.84
N GLU A 113 7.54 30.96 -7.85
CA GLU A 113 8.78 31.58 -8.32
C GLU A 113 9.47 32.42 -7.26
N GLN A 114 8.70 33.17 -6.49
CA GLN A 114 9.26 33.99 -5.41
C GLN A 114 10.04 33.15 -4.37
N ARG A 115 9.50 31.98 -4.05
CA ARG A 115 10.15 31.05 -3.12
C ARG A 115 11.41 30.47 -3.76
N MET A 116 11.33 30.18 -5.06
CA MET A 116 12.48 29.76 -5.84
C MET A 116 13.59 30.82 -5.76
N LYS A 117 13.22 32.07 -6.03
CA LYS A 117 14.17 33.18 -6.02
C LYS A 117 14.90 33.33 -4.68
N GLU A 118 14.21 32.99 -3.58
N GLU A 118 14.16 33.16 -3.58
CA GLU A 118 14.77 33.03 -2.22
CA GLU A 118 14.67 33.42 -2.24
C GLU A 118 15.37 31.69 -1.75
C GLU A 118 15.57 32.28 -1.75
N SER A 119 15.37 30.68 -2.62
N SER A 119 15.48 31.14 -2.43
CA SER A 119 15.77 29.32 -2.21
CA SER A 119 16.31 29.99 -2.09
C SER A 119 17.27 29.18 -1.94
C SER A 119 17.76 30.25 -2.49
N SER A 120 18.07 29.93 -2.67
N SER A 120 18.61 29.25 -2.26
CA SER A 120 19.53 29.80 -2.63
CA SER A 120 20.02 29.35 -2.63
C SER A 120 20.01 28.97 -3.82
C SER A 120 20.29 28.52 -3.88
N PHE A 121 19.07 28.28 -4.46
N PHE A 121 19.22 28.13 -4.57
CA PHE A 121 19.36 27.53 -5.69
CA PHE A 121 19.38 27.42 -5.83
C PHE A 121 18.35 27.85 -6.80
C PHE A 121 18.33 27.83 -6.85
N TYR A 122 18.20 29.14 -7.08
CA TYR A 122 17.23 29.66 -8.06
C TYR A 122 17.49 29.14 -9.47
N SER A 123 18.77 29.09 -9.86
CA SER A 123 19.11 28.63 -11.21
C SER A 123 18.76 27.15 -11.39
N LEU A 124 19.01 26.35 -10.36
CA LEU A 124 18.60 24.95 -10.39
C LEU A 124 17.08 24.85 -10.51
N CYS A 125 16.34 25.67 -9.75
CA CYS A 125 14.86 25.67 -9.84
C CYS A 125 14.41 26.00 -11.27
N LEU A 126 15.00 27.03 -11.87
CA LEU A 126 14.67 27.39 -13.26
C LEU A 126 14.97 26.26 -14.26
N THR A 127 16.10 25.58 -14.07
CA THR A 127 16.42 24.40 -14.89
C THR A 127 15.34 23.33 -14.75
N MET A 128 14.94 23.02 -13.51
CA MET A 128 13.91 22.02 -13.28
C MET A 128 12.54 22.47 -13.81
N TRP A 129 12.26 23.76 -13.67
CA TRP A 129 10.98 24.36 -14.06
C TRP A 129 10.72 24.27 -15.58
N GLN A 130 11.78 24.10 -16.36
CA GLN A 130 11.67 23.89 -17.81
C GLN A 130 10.72 22.73 -18.17
N ILE A 131 10.79 21.65 -17.41
CA ILE A 131 10.06 20.44 -17.75
C ILE A 131 8.55 20.65 -17.76
N PRO A 132 7.99 21.18 -16.65
CA PRO A 132 6.54 21.44 -16.67
C PRO A 132 6.14 22.49 -17.71
N GLN A 133 6.99 23.46 -17.98
CA GLN A 133 6.65 24.44 -19.01
C GLN A 133 6.57 23.73 -20.38
N GLU A 134 7.39 22.71 -20.58
CA GLU A 134 7.36 21.95 -21.83
C GLU A 134 6.10 21.04 -21.89
N PHE A 135 5.72 20.44 -20.77
CA PHE A 135 4.46 19.71 -20.68
C PHE A 135 3.28 20.63 -21.03
N VAL A 136 3.33 21.88 -20.57
CA VAL A 136 2.30 22.86 -20.89
C VAL A 136 2.31 23.11 -22.40
N LYS A 137 3.49 23.39 -22.94
CA LYS A 137 3.66 23.62 -24.38
C LYS A 137 3.09 22.48 -25.21
N LEU A 138 3.49 21.24 -24.89
CA LEU A 138 3.06 20.09 -25.67
C LEU A 138 1.70 19.49 -25.27
N GLN A 139 1.14 19.96 -24.15
CA GLN A 139 -0.08 19.37 -23.58
C GLN A 139 0.03 17.83 -23.59
N VAL A 140 0.99 17.35 -22.81
CA VAL A 140 1.21 15.92 -22.64
C VAL A 140 0.03 15.27 -21.92
N SER A 141 -0.48 14.19 -22.49
CA SER A 141 -1.56 13.44 -21.87
C SER A 141 -0.99 12.51 -20.81
N GLN A 142 -1.85 12.09 -19.89
CA GLN A 142 -1.46 11.14 -18.85
C GLN A 142 -0.98 9.82 -19.45
N GLU A 143 -1.62 9.40 -20.54
CA GLU A 143 -1.26 8.15 -21.20
C GLU A 143 0.14 8.23 -21.78
N GLU A 144 0.46 9.37 -22.41
CA GLU A 144 1.80 9.59 -22.95
C GLU A 144 2.85 9.63 -21.84
N PHE A 145 2.55 10.41 -20.80
CA PHE A 145 3.37 10.51 -19.59
C PHE A 145 3.73 9.16 -18.97
N LEU A 146 2.72 8.33 -18.74
CA LEU A 146 2.94 7.01 -18.13
C LEU A 146 3.88 6.13 -18.96
N CYS A 147 3.73 6.15 -20.28
CA CYS A 147 4.62 5.39 -21.15
C CYS A 147 6.04 5.98 -21.17
N MET A 148 6.14 7.30 -21.32
CA MET A 148 7.44 7.99 -21.31
C MET A 148 8.20 7.75 -20.03
N LYS A 149 7.49 7.75 -18.91
CA LYS A 149 8.12 7.50 -17.62
C LYS A 149 8.76 6.09 -17.54
N VAL A 150 8.09 5.06 -18.08
CA VAL A 150 8.71 3.72 -18.13
C VAL A 150 9.98 3.77 -18.99
N LEU A 151 9.91 4.47 -20.11
CA LEU A 151 11.07 4.56 -21.01
C LEU A 151 12.27 5.23 -20.34
N LEU A 152 12.03 6.21 -19.48
CA LEU A 152 13.09 6.81 -18.67
C LEU A 152 13.79 5.77 -17.78
N LEU A 153 13.02 4.90 -17.13
CA LEU A 153 13.60 3.78 -16.37
C LEU A 153 14.53 2.92 -17.24
N LEU A 154 14.19 2.81 -18.53
CA LEU A 154 14.89 1.96 -19.47
C LEU A 154 15.77 2.74 -20.44
N ASN A 155 16.22 3.94 -20.04
CA ASN A 155 16.88 4.84 -20.98
C ASN A 155 18.41 4.92 -20.92
N THR A 156 19.03 4.21 -19.99
CA THR A 156 20.49 4.13 -19.90
C THR A 156 20.87 2.72 -19.49
N ILE A 157 21.88 2.14 -20.14
CA ILE A 157 22.40 0.82 -19.75
C ILE A 157 23.92 0.89 -19.60
N PRO A 158 24.52 -0.12 -18.95
CA PRO A 158 25.97 -0.10 -18.83
C PRO A 158 26.64 -0.18 -20.21
N LEU A 159 27.88 0.26 -20.28
CA LEU A 159 28.67 0.17 -21.51
C LEU A 159 28.74 -1.27 -22.02
N GLU A 160 28.78 -2.23 -21.10
CA GLU A 160 28.85 -3.65 -21.44
C GLU A 160 27.48 -4.30 -21.62
N GLY A 161 26.42 -3.49 -21.59
CA GLY A 161 25.07 -4.02 -21.64
C GLY A 161 24.61 -4.65 -20.33
N LEU A 162 23.39 -5.15 -20.33
CA LEU A 162 22.80 -5.78 -19.18
C LEU A 162 22.97 -7.31 -19.23
N ARG A 163 22.76 -7.97 -18.10
CA ARG A 163 22.76 -9.43 -18.04
C ARG A 163 21.56 -10.04 -18.78
N SER A 164 20.40 -9.41 -18.65
CA SER A 164 19.16 -9.81 -19.35
C SER A 164 18.90 -8.89 -20.54
N GLN A 165 19.91 -8.72 -21.40
CA GLN A 165 19.83 -7.75 -22.50
C GLN A 165 18.69 -8.03 -23.48
N THR A 166 18.48 -9.29 -23.82
CA THR A 166 17.44 -9.68 -24.75
C THR A 166 16.08 -9.28 -24.22
N GLN A 167 15.82 -9.61 -22.96
CA GLN A 167 14.55 -9.30 -22.31
C GLN A 167 14.36 -7.80 -22.16
N PHE A 168 15.45 -7.08 -21.92
CA PHE A 168 15.41 -5.63 -21.81
C PHE A 168 15.01 -5.00 -23.14
N GLU A 169 15.65 -5.42 -24.23
CA GLU A 169 15.31 -4.87 -25.54
C GLU A 169 13.82 -5.11 -25.81
N GLU A 170 13.35 -6.34 -25.59
CA GLU A 170 11.94 -6.68 -25.78
C GLU A 170 11.00 -5.83 -24.92
N MET A 171 11.35 -5.62 -23.66
CA MET A 171 10.56 -4.79 -22.76
C MET A 171 10.56 -3.32 -23.20
N ARG A 172 11.74 -2.79 -23.52
CA ARG A 172 11.85 -1.42 -24.01
C ARG A 172 11.04 -1.23 -25.29
N SER A 173 11.20 -2.15 -26.24
CA SER A 173 10.48 -2.06 -27.53
C SER A 173 8.95 -2.10 -27.30
N SER A 174 8.52 -2.93 -26.36
CA SER A 174 7.10 -3.02 -25.99
C SER A 174 6.55 -1.69 -25.47
N TYR A 175 7.30 -0.99 -24.60
CA TYR A 175 6.83 0.30 -24.10
C TYR A 175 6.93 1.43 -25.15
N ILE A 176 7.87 1.33 -26.09
CA ILE A 176 7.90 2.26 -27.22
C ILE A 176 6.65 2.07 -28.06
N ARG A 177 6.29 0.81 -28.34
CA ARG A 177 5.05 0.51 -29.06
C ARG A 177 3.83 1.04 -28.29
N GLU A 178 3.86 0.94 -26.97
CA GLU A 178 2.76 1.47 -26.14
C GLU A 178 2.66 3.00 -26.16
N LEU A 179 3.81 3.68 -26.23
CA LEU A 179 3.83 5.14 -26.39
C LEU A 179 3.11 5.53 -27.69
N ILE A 180 3.41 4.78 -28.76
CA ILE A 180 2.84 5.02 -30.07
C ILE A 180 1.31 4.89 -30.02
N LYS A 181 0.81 3.91 -29.28
CA LYS A 181 -0.65 3.75 -29.08
C LYS A 181 -1.21 4.92 -28.26
N ALA A 182 -0.49 5.33 -27.23
CA ALA A 182 -0.86 6.46 -26.37
C ALA A 182 -1.04 7.73 -27.18
N ILE A 183 -0.10 7.98 -28.08
CA ILE A 183 -0.16 9.09 -29.05
C ILE A 183 -1.37 8.97 -29.96
N GLY A 184 -1.64 7.75 -30.42
CA GLY A 184 -2.77 7.50 -31.33
C GLY A 184 -4.15 7.72 -30.72
N LEU A 185 -4.24 7.78 -29.39
CA LEU A 185 -5.50 8.06 -28.70
C LEU A 185 -6.07 9.44 -29.01
N ARG A 186 -5.21 10.43 -29.21
CA ARG A 186 -5.68 11.80 -29.44
C ARG A 186 -5.28 12.24 -30.82
N GLN A 187 -3.97 12.30 -31.06
CA GLN A 187 -3.43 12.74 -32.33
C GLN A 187 -3.80 11.73 -33.39
N LYS A 188 -4.84 12.07 -34.16
CA LYS A 188 -5.25 11.29 -35.32
C LYS A 188 -4.54 11.92 -36.52
N GLY A 189 -4.22 11.09 -37.51
CA GLY A 189 -3.50 11.54 -38.69
C GLY A 189 -2.06 11.10 -38.63
N VAL A 190 -1.60 10.47 -39.71
CA VAL A 190 -0.26 9.88 -39.76
C VAL A 190 0.86 10.92 -39.58
N VAL A 191 0.70 12.10 -40.20
CA VAL A 191 1.71 13.15 -40.10
C VAL A 191 1.82 13.66 -38.65
N SER A 192 0.69 14.01 -38.07
CA SER A 192 0.63 14.46 -36.67
C SER A 192 1.21 13.44 -35.71
N SER A 193 0.77 12.18 -35.84
CA SER A 193 1.20 11.11 -34.96
C SER A 193 2.70 10.81 -35.06
N SER A 194 3.23 10.79 -36.28
CA SER A 194 4.67 10.58 -36.47
C SER A 194 5.48 11.78 -35.93
N GLN A 195 5.00 13.00 -36.20
CA GLN A 195 5.62 14.20 -35.63
C GLN A 195 5.55 14.24 -34.10
N ARG A 196 4.42 13.83 -33.53
CA ARG A 196 4.23 13.74 -32.07
C ARG A 196 5.24 12.76 -31.43
N PHE A 197 5.44 11.63 -32.09
CA PHE A 197 6.42 10.64 -31.61
C PHE A 197 7.81 11.25 -31.58
N TYR A 198 8.16 12.00 -32.62
CA TYR A 198 9.47 12.64 -32.68
C TYR A 198 9.63 13.62 -31.52
N GLN A 199 8.62 14.45 -31.32
CA GLN A 199 8.66 15.49 -30.30
C GLN A 199 8.78 14.90 -28.88
N LEU A 200 7.99 13.88 -28.60
CA LEU A 200 7.99 13.28 -27.27
C LEU A 200 9.29 12.52 -27.02
N THR A 201 9.78 11.80 -28.02
CA THR A 201 11.04 11.08 -27.87
C THR A 201 12.25 12.03 -27.87
N LYS A 202 12.15 13.15 -28.59
CA LYS A 202 13.20 14.17 -28.53
C LYS A 202 13.26 14.80 -27.14
N LEU A 203 12.10 15.00 -26.52
CA LEU A 203 12.03 15.47 -25.13
C LEU A 203 12.78 14.51 -24.21
N LEU A 204 12.56 13.20 -24.35
CA LEU A 204 13.28 12.22 -23.51
C LEU A 204 14.79 12.32 -23.77
N ASP A 205 15.21 12.40 -25.04
CA ASP A 205 16.63 12.58 -25.40
C ASP A 205 17.23 13.81 -24.73
N ASN A 206 16.48 14.91 -24.77
CA ASN A 206 16.92 16.19 -24.19
C ASN A 206 17.06 16.11 -22.66
N LEU A 207 16.31 15.22 -22.02
CA LEU A 207 16.38 15.07 -20.58
C LEU A 207 17.74 14.59 -20.09
N HIS A 208 18.47 13.85 -20.92
CA HIS A 208 19.82 13.41 -20.53
C HIS A 208 20.70 14.58 -20.09
N ASP A 209 20.65 15.68 -20.84
CA ASP A 209 21.47 16.85 -20.55
C ASP A 209 21.05 17.60 -19.29
N LEU A 210 19.75 17.82 -19.14
CA LEU A 210 19.19 18.45 -17.94
C LEU A 210 19.56 17.65 -16.70
N VAL A 211 19.34 16.35 -16.78
CA VAL A 211 19.64 15.43 -15.68
C VAL A 211 21.13 15.42 -15.30
N LYS A 212 22.01 15.56 -16.29
CA LYS A 212 23.42 15.70 -15.98
C LYS A 212 23.69 16.90 -15.04
N GLN A 213 23.02 18.03 -15.26
CA GLN A 213 23.19 19.21 -14.38
C GLN A 213 22.72 18.93 -12.94
N LEU A 214 21.65 18.15 -12.83
CA LEU A 214 21.09 17.75 -11.54
C LEU A 214 21.99 16.75 -10.83
N HIS A 215 22.54 15.80 -11.59
CA HIS A 215 23.49 14.84 -11.02
C HIS A 215 24.72 15.54 -10.42
N LEU A 216 25.25 16.54 -11.14
CA LEU A 216 26.44 17.27 -10.68
C LEU A 216 26.14 18.04 -9.40
N TYR A 217 25.03 18.78 -9.40
CA TYR A 217 24.58 19.52 -8.21
C TYR A 217 24.44 18.56 -7.02
N CYS A 218 23.78 17.44 -7.27
CA CYS A 218 23.52 16.46 -6.24
C CYS A 218 24.83 15.92 -5.67
N LEU A 219 25.75 15.54 -6.56
CA LEU A 219 27.03 14.97 -6.11
C LEU A 219 27.83 16.00 -5.34
N ASN A 220 27.90 17.22 -5.84
CA ASN A 220 28.58 18.30 -5.11
C ASN A 220 27.96 18.50 -3.73
N THR A 221 26.62 18.53 -3.66
CA THR A 221 25.94 18.73 -2.39
C THR A 221 26.25 17.59 -1.41
N PHE A 222 26.34 16.37 -1.93
CA PHE A 222 26.62 15.18 -1.14
C PHE A 222 28.00 15.27 -0.51
N ILE A 223 29.00 15.54 -1.35
CA ILE A 223 30.39 15.69 -0.91
C ILE A 223 30.53 16.73 0.18
N GLN A 224 29.79 17.83 0.03
CA GLN A 224 29.87 18.96 0.96
C GLN A 224 28.77 18.96 2.03
N SER A 225 28.11 17.82 2.23
CA SER A 225 26.90 17.77 3.06
C SER A 225 27.14 18.12 4.53
N ARG A 226 28.30 17.75 5.06
CA ARG A 226 28.65 18.09 6.44
C ARG A 226 28.80 19.61 6.63
N ALA A 227 29.50 20.25 5.71
CA ALA A 227 29.73 21.70 5.77
C ALA A 227 28.41 22.47 5.61
N LEU A 228 27.58 22.05 4.66
CA LEU A 228 26.32 22.72 4.34
C LEU A 228 25.17 22.38 5.31
N SER A 229 25.42 21.44 6.23
CA SER A 229 24.42 21.00 7.21
C SER A 229 23.19 20.40 6.52
N VAL A 230 23.45 19.62 5.47
CA VAL A 230 22.41 18.93 4.72
C VAL A 230 22.53 17.44 5.03
N GLU A 231 21.39 16.79 5.31
CA GLU A 231 21.36 15.35 5.60
C GLU A 231 20.94 14.59 4.35
N PHE A 232 21.65 13.49 4.08
CA PHE A 232 21.31 12.57 3.00
C PHE A 232 20.94 11.21 3.60
N PRO A 233 19.69 10.75 3.39
CA PRO A 233 19.24 9.46 3.92
C PRO A 233 19.92 8.23 3.33
N GLU A 234 19.63 7.07 3.91
CA GLU A 234 20.29 5.80 3.58
C GLU A 234 20.28 5.41 2.09
N MET A 235 19.09 5.26 1.51
CA MET A 235 18.96 4.79 0.12
C MET A 235 19.49 5.81 -0.90
N MET A 236 19.36 7.10 -0.55
CA MET A 236 19.94 8.16 -1.37
C MET A 236 21.46 8.06 -1.42
N SER A 237 22.07 7.93 -0.23
CA SER A 237 23.52 7.83 -0.10
C SER A 237 24.12 6.66 -0.87
N GLU A 238 23.41 5.53 -0.96
CA GLU A 238 23.93 4.36 -1.66
CA GLU A 238 23.93 4.35 -1.66
C GLU A 238 23.71 4.43 -3.17
N VAL A 239 22.59 5.00 -3.61
CA VAL A 239 22.37 5.16 -5.06
C VAL A 239 23.39 6.15 -5.64
N ILE A 240 23.74 7.17 -4.87
CA ILE A 240 24.77 8.13 -5.29
C ILE A 240 26.16 7.50 -5.23
N ALA A 241 26.47 6.88 -4.10
CA ALA A 241 27.70 6.13 -3.95
C ALA A 241 27.87 5.14 -5.09
N ALA A 242 26.77 4.44 -5.41
CA ALA A 242 26.82 3.28 -6.31
C ALA A 242 27.03 3.62 -7.78
N GLN A 243 26.67 4.82 -8.23
CA GLN A 243 26.77 5.13 -9.66
C GLN A 243 27.04 6.57 -10.09
N LEU A 244 26.86 7.57 -9.22
CA LEU A 244 26.86 8.98 -9.73
C LEU A 244 28.16 9.39 -10.44
N PRO A 245 29.33 9.06 -9.85
CA PRO A 245 30.57 9.42 -10.53
C PRO A 245 30.70 8.76 -11.90
N LYS A 246 30.35 7.48 -11.99
CA LYS A 246 30.38 6.73 -13.24
C LYS A 246 29.46 7.32 -14.30
N ILE A 247 28.28 7.78 -13.87
CA ILE A 247 27.29 8.36 -14.76
C ILE A 247 27.74 9.71 -15.27
N LEU A 248 28.20 10.56 -14.35
CA LEU A 248 28.76 11.86 -14.70
C LEU A 248 29.94 11.76 -15.65
N ALA A 249 30.78 10.75 -15.43
CA ALA A 249 31.96 10.53 -16.27
C ALA A 249 31.59 10.08 -17.69
N GLY A 250 30.32 9.73 -17.91
CA GLY A 250 29.87 9.22 -19.20
C GLY A 250 30.28 7.79 -19.44
N MET A 251 30.52 7.03 -18.36
CA MET A 251 30.91 5.63 -18.46
C MET A 251 29.69 4.72 -18.38
N VAL A 252 28.63 5.13 -19.06
CA VAL A 252 27.41 4.35 -19.25
C VAL A 252 26.95 4.66 -20.67
N LYS A 253 25.89 3.99 -21.11
CA LYS A 253 25.36 4.17 -22.45
C LYS A 253 23.96 4.77 -22.39
N PRO A 254 23.85 6.10 -22.61
CA PRO A 254 22.54 6.68 -22.77
C PRO A 254 21.90 6.16 -24.06
N LEU A 255 20.63 5.78 -23.99
CA LEU A 255 19.93 5.32 -25.19
C LEU A 255 19.23 6.53 -25.77
N LEU A 256 19.49 6.80 -27.05
CA LEU A 256 18.90 7.94 -27.71
C LEU A 256 17.92 7.43 -28.75
N PHE A 257 16.79 8.12 -28.86
CA PHE A 257 15.84 7.85 -29.92
C PHE A 257 16.30 8.45 -31.24
N HIS A 258 17.08 9.53 -31.17
CA HIS A 258 17.53 10.26 -32.37
C HIS A 258 19.02 10.62 -32.32
N LYS A 259 19.65 10.67 -33.50
CA LYS A 259 21.02 11.15 -33.63
C LYS A 259 21.04 12.69 -33.58
N LYS A 260 20.85 13.35 -34.60
N LEU B 10 -21.09 -38.46 11.67
CA LEU B 10 -21.74 -37.22 11.14
C LEU B 10 -21.35 -35.96 11.93
N ILE B 11 -21.80 -34.82 11.41
CA ILE B 11 -21.46 -33.52 11.96
C ILE B 11 -22.33 -33.25 13.20
N PRO B 12 -21.71 -32.90 14.34
CA PRO B 12 -22.50 -32.61 15.54
C PRO B 12 -23.49 -31.45 15.33
N PRO B 13 -24.67 -31.51 15.98
CA PRO B 13 -25.76 -30.56 15.69
C PRO B 13 -25.42 -29.08 15.91
N LEU B 14 -24.68 -28.75 16.96
CA LEU B 14 -24.33 -27.34 17.20
C LEU B 14 -23.48 -26.79 16.06
N ILE B 15 -22.56 -27.61 15.56
CA ILE B 15 -21.71 -27.20 14.44
C ILE B 15 -22.55 -27.00 13.19
N ASN B 16 -23.50 -27.92 12.92
CA ASN B 16 -24.44 -27.74 11.80
C ASN B 16 -25.20 -26.42 11.91
N LEU B 17 -25.63 -26.10 13.12
CA LEU B 17 -26.34 -24.85 13.36
C LEU B 17 -25.43 -23.64 13.09
N LEU B 18 -24.20 -23.68 13.62
CA LEU B 18 -23.22 -22.64 13.33
C LEU B 18 -23.04 -22.45 11.81
N MET B 19 -22.94 -23.53 11.04
CA MET B 19 -22.85 -23.43 9.59
CA MET B 19 -22.86 -23.46 9.58
C MET B 19 -24.06 -22.70 9.02
N SER B 20 -25.25 -23.05 9.50
CA SER B 20 -26.50 -22.49 8.98
C SER B 20 -26.69 -21.00 9.28
N ILE B 21 -26.05 -20.49 10.33
CA ILE B 21 -26.23 -19.08 10.69
C ILE B 21 -25.10 -18.18 10.18
N GLU B 22 -24.14 -18.74 9.45
CA GLU B 22 -23.08 -17.95 8.84
C GLU B 22 -23.69 -16.86 7.94
N PRO B 23 -23.13 -15.65 7.96
CA PRO B 23 -23.71 -14.62 7.09
C PRO B 23 -23.56 -14.96 5.61
N ASP B 24 -24.42 -14.37 4.78
CA ASP B 24 -24.29 -14.46 3.34
C ASP B 24 -23.11 -13.59 2.93
N VAL B 25 -22.64 -13.78 1.70
CA VAL B 25 -21.57 -12.97 1.11
C VAL B 25 -21.87 -11.48 1.27
N ILE B 26 -20.88 -10.71 1.72
CA ILE B 26 -21.03 -9.25 1.86
C ILE B 26 -20.09 -8.54 0.89
N TYR B 27 -20.65 -7.64 0.10
CA TYR B 27 -19.90 -6.86 -0.89
C TYR B 27 -19.46 -5.54 -0.30
N ALA B 28 -18.30 -5.05 -0.73
CA ALA B 28 -17.82 -3.74 -0.29
C ALA B 28 -18.59 -2.59 -0.95
N GLY B 29 -19.16 -2.85 -2.13
CA GLY B 29 -19.74 -1.80 -2.96
C GLY B 29 -18.67 -0.97 -3.66
N HIS B 30 -17.50 -1.56 -3.85
CA HIS B 30 -16.34 -0.86 -4.39
C HIS B 30 -16.49 -0.58 -5.89
N ASP B 31 -16.13 0.64 -6.31
CA ASP B 31 -16.21 1.05 -7.72
C ASP B 31 -14.89 0.77 -8.44
N ASN B 32 -14.87 -0.34 -9.19
CA ASN B 32 -13.64 -0.81 -9.85
C ASN B 32 -13.25 -0.06 -11.13
N THR B 33 -14.18 0.71 -11.70
CA THR B 33 -13.88 1.51 -12.89
C THR B 33 -12.84 2.60 -12.61
N LYS B 34 -12.90 3.17 -11.41
CA LYS B 34 -11.90 4.14 -10.94
C LYS B 34 -10.59 3.40 -10.57
N PRO B 35 -9.42 4.03 -10.82
CA PRO B 35 -8.21 3.52 -10.19
C PRO B 35 -8.20 3.78 -8.68
N ASP B 36 -7.56 2.88 -7.93
CA ASP B 36 -7.48 3.02 -6.48
C ASP B 36 -6.59 4.17 -6.07
N THR B 37 -7.05 4.97 -5.11
CA THR B 37 -6.15 5.79 -4.30
C THR B 37 -6.11 5.16 -2.92
N SER B 38 -5.15 5.59 -2.10
CA SER B 38 -5.04 5.09 -0.75
C SER B 38 -6.30 5.42 0.05
N SER B 39 -6.80 6.65 -0.11
CA SER B 39 -7.97 7.12 0.64
C SER B 39 -9.27 6.45 0.21
N SER B 40 -9.42 6.16 -1.09
CA SER B 40 -10.61 5.48 -1.60
C SER B 40 -10.62 4.01 -1.20
N LEU B 41 -9.43 3.41 -1.15
CA LEU B 41 -9.27 2.04 -0.69
C LEU B 41 -9.68 1.93 0.77
N LEU B 42 -9.15 2.82 1.60
CA LEU B 42 -9.47 2.82 3.03
C LEU B 42 -10.95 3.10 3.26
N THR B 43 -11.53 3.96 2.43
CA THR B 43 -12.97 4.23 2.49
C THR B 43 -13.84 3.01 2.18
N SER B 44 -13.50 2.28 1.12
CA SER B 44 -14.22 1.05 0.77
C SER B 44 -14.06 -0.03 1.83
N LEU B 45 -12.86 -0.14 2.43
CA LEU B 45 -12.66 -1.06 3.55
C LEU B 45 -13.54 -0.69 4.76
N ASN B 46 -13.74 0.62 4.97
CA ASN B 46 -14.57 1.10 6.07
C ASN B 46 -16.04 0.83 5.80
N GLN B 47 -16.44 0.98 4.54
CA GLN B 47 -17.80 0.65 4.08
C GLN B 47 -18.08 -0.84 4.25
N LEU B 48 -17.12 -1.66 3.84
CA LEU B 48 -17.22 -3.10 4.03
C LEU B 48 -17.37 -3.43 5.52
N GLY B 49 -16.57 -2.76 6.35
CA GLY B 49 -16.60 -2.99 7.78
C GLY B 49 -17.93 -2.66 8.43
N GLU B 50 -18.54 -1.56 7.99
CA GLU B 50 -19.90 -1.18 8.42
C GLU B 50 -20.89 -2.30 8.10
N ARG B 51 -20.79 -2.82 6.88
CA ARG B 51 -21.66 -3.91 6.44
C ARG B 51 -21.40 -5.19 7.23
N GLN B 52 -20.14 -5.45 7.54
CA GLN B 52 -19.80 -6.67 8.27
C GLN B 52 -20.18 -6.57 9.74
N LEU B 53 -20.11 -5.37 10.31
CA LEU B 53 -20.51 -5.17 11.70
C LEU B 53 -22.00 -5.47 11.85
N LEU B 54 -22.82 -4.98 10.91
CA LEU B 54 -24.23 -5.34 10.91
C LEU B 54 -24.39 -6.87 10.89
N SER B 55 -23.62 -7.53 10.03
CA SER B 55 -23.74 -8.98 9.86
C SER B 55 -23.33 -9.70 11.13
N VAL B 56 -22.31 -9.21 11.82
CA VAL B 56 -21.89 -9.80 13.11
C VAL B 56 -22.97 -9.70 14.20
N VAL B 57 -23.63 -8.56 14.30
CA VAL B 57 -24.69 -8.37 15.29
C VAL B 57 -25.86 -9.30 14.98
N LYS B 58 -26.26 -9.39 13.71
CA LYS B 58 -27.34 -10.30 13.28
C LYS B 58 -26.98 -11.77 13.58
N TRP B 59 -25.75 -12.13 13.25
CA TRP B 59 -25.22 -13.46 13.54
C TRP B 59 -25.33 -13.77 15.03
N SER B 60 -24.89 -12.83 15.86
CA SER B 60 -24.89 -13.02 17.32
C SER B 60 -26.30 -13.28 17.89
N LYS B 61 -27.32 -12.77 17.22
CA LYS B 61 -28.70 -12.96 17.66
C LYS B 61 -29.19 -14.39 17.43
N SER B 62 -28.54 -15.12 16.54
CA SER B 62 -28.87 -16.51 16.26
C SER B 62 -27.88 -17.50 16.90
N LEU B 63 -26.80 -16.98 17.48
CA LEU B 63 -25.74 -17.81 18.06
C LEU B 63 -26.18 -18.45 19.36
N PRO B 64 -26.24 -19.80 19.42
CA PRO B 64 -26.79 -20.39 20.64
C PRO B 64 -26.08 -19.95 21.91
N GLY B 65 -26.87 -19.46 22.87
CA GLY B 65 -26.34 -19.01 24.16
C GLY B 65 -26.14 -17.50 24.27
N PHE B 66 -25.81 -16.83 23.18
CA PHE B 66 -25.39 -15.42 23.25
C PHE B 66 -26.51 -14.49 23.72
N ARG B 67 -27.71 -14.70 23.18
CA ARG B 67 -28.86 -13.84 23.51
C ARG B 67 -29.27 -13.96 24.99
N ASN B 68 -28.80 -15.00 25.65
CA ASN B 68 -29.12 -15.24 27.06
C ASN B 68 -28.19 -14.53 28.06
N LEU B 69 -27.10 -13.94 27.56
CA LEU B 69 -26.26 -13.07 28.38
C LEU B 69 -26.97 -11.74 28.53
N HIS B 70 -26.69 -11.03 29.63
CA HIS B 70 -27.21 -9.67 29.80
C HIS B 70 -26.92 -8.86 28.54
N ILE B 71 -27.90 -8.06 28.12
CA ILE B 71 -27.74 -7.21 26.93
C ILE B 71 -26.43 -6.36 26.91
N ASP B 72 -26.04 -5.83 28.08
CA ASP B 72 -24.82 -5.02 28.21
C ASP B 72 -23.59 -5.85 27.85
N ASP B 73 -23.60 -7.11 28.27
CA ASP B 73 -22.54 -8.05 27.97
C ASP B 73 -22.48 -8.35 26.49
N GLN B 74 -23.64 -8.58 25.87
CA GLN B 74 -23.71 -8.83 24.43
C GLN B 74 -23.07 -7.68 23.65
N ILE B 75 -23.46 -6.46 23.99
CA ILE B 75 -22.90 -5.26 23.37
C ILE B 75 -21.38 -5.15 23.57
N THR B 76 -20.95 -5.28 24.82
CA THR B 76 -19.53 -5.22 25.17
C THR B 76 -18.68 -6.22 24.37
N LEU B 77 -19.14 -7.47 24.33
CA LEU B 77 -18.40 -8.53 23.66
C LEU B 77 -18.26 -8.25 22.17
N ILE B 78 -19.30 -7.73 21.54
CA ILE B 78 -19.21 -7.34 20.14
C ILE B 78 -18.24 -6.17 19.96
N GLN B 79 -18.36 -5.16 20.82
CA GLN B 79 -17.48 -3.99 20.78
C GLN B 79 -16.01 -4.37 20.97
N TYR B 80 -15.75 -5.36 21.82
CA TYR B 80 -14.40 -5.86 22.05
C TYR B 80 -13.89 -6.76 20.89
N SER B 81 -14.78 -7.55 20.30
CA SER B 81 -14.34 -8.64 19.40
C SER B 81 -14.47 -8.38 17.91
N TRP B 82 -15.14 -7.31 17.51
CA TRP B 82 -15.49 -7.11 16.10
C TRP B 82 -14.27 -7.12 15.16
N MET B 83 -13.17 -6.52 15.59
CA MET B 83 -11.97 -6.47 14.75
C MET B 83 -11.41 -7.88 14.59
N SER B 84 -11.34 -8.64 15.68
CA SER B 84 -10.91 -10.04 15.64
C SER B 84 -11.78 -10.87 14.71
N LEU B 85 -13.09 -10.76 14.85
CA LEU B 85 -14.03 -11.50 14.00
C LEU B 85 -13.84 -11.15 12.51
N MET B 86 -13.64 -9.88 12.22
CA MET B 86 -13.52 -9.43 10.83
C MET B 86 -12.24 -9.95 10.17
N VAL B 87 -11.12 -9.83 10.87
CA VAL B 87 -9.84 -10.30 10.35
C VAL B 87 -9.79 -11.84 10.30
N PHE B 88 -10.42 -12.51 11.26
CA PHE B 88 -10.49 -13.98 11.26
C PHE B 88 -11.30 -14.44 10.05
N GLY B 89 -12.43 -13.77 9.79
CA GLY B 89 -13.24 -14.02 8.60
C GLY B 89 -12.51 -13.74 7.30
N LEU B 90 -11.76 -12.63 7.25
CA LEU B 90 -10.89 -12.31 6.11
C LEU B 90 -9.94 -13.47 5.83
N GLY B 91 -9.29 -13.96 6.89
CA GLY B 91 -8.40 -15.10 6.79
C GLY B 91 -9.10 -16.33 6.19
N TRP B 92 -10.31 -16.60 6.66
CA TRP B 92 -11.07 -17.74 6.15
C TRP B 92 -11.35 -17.61 4.66
N ARG B 93 -11.89 -16.48 4.24
CA ARG B 93 -12.25 -16.25 2.82
C ARG B 93 -11.03 -16.29 1.90
N SER B 94 -9.93 -15.70 2.35
CA SER B 94 -8.69 -15.70 1.57
C SER B 94 -8.16 -17.14 1.36
N TYR B 95 -8.19 -17.90 2.45
CA TYR B 95 -7.87 -19.33 2.46
C TYR B 95 -8.77 -20.09 1.50
N LYS B 96 -10.07 -19.93 1.66
CA LYS B 96 -11.05 -20.68 0.87
C LYS B 96 -11.07 -20.33 -0.61
N HIS B 97 -11.00 -19.04 -0.94
CA HIS B 97 -11.24 -18.58 -2.32
C HIS B 97 -9.98 -18.41 -3.16
N VAL B 98 -8.87 -18.04 -2.53
CA VAL B 98 -7.65 -17.73 -3.27
C VAL B 98 -6.40 -18.38 -2.66
N SER B 99 -6.61 -19.49 -1.96
CA SER B 99 -5.52 -20.28 -1.37
C SER B 99 -4.55 -19.47 -0.49
N GLY B 100 -5.07 -18.41 0.13
CA GLY B 100 -4.29 -17.56 1.02
C GLY B 100 -3.28 -16.66 0.33
N GLN B 101 -3.34 -16.58 -1.00
CA GLN B 101 -2.35 -15.84 -1.79
C GLN B 101 -2.78 -14.41 -2.12
N MET B 102 -4.03 -14.09 -1.81
CA MET B 102 -4.53 -12.71 -1.84
CA MET B 102 -4.55 -12.72 -1.87
C MET B 102 -5.43 -12.51 -0.63
N LEU B 103 -5.74 -11.25 -0.32
CA LEU B 103 -6.64 -10.93 0.79
C LEU B 103 -8.04 -10.71 0.24
N TYR B 104 -8.93 -11.66 0.51
CA TYR B 104 -10.29 -11.66 -0.03
C TYR B 104 -11.22 -10.93 0.94
N PHE B 105 -11.17 -9.59 0.92
CA PHE B 105 -12.01 -8.80 1.81
C PHE B 105 -13.48 -9.02 1.44
N ALA B 106 -13.74 -9.02 0.14
CA ALA B 106 -15.08 -9.27 -0.40
C ALA B 106 -14.95 -9.70 -1.87
N PRO B 107 -16.04 -10.23 -2.46
CA PRO B 107 -15.93 -10.59 -3.89
C PRO B 107 -15.53 -9.42 -4.78
N ASP B 108 -15.95 -8.21 -4.42
CA ASP B 108 -15.60 -7.00 -5.19
C ASP B 108 -14.41 -6.22 -4.60
N LEU B 109 -13.68 -6.83 -3.67
CA LEU B 109 -12.50 -6.19 -3.07
C LEU B 109 -11.52 -7.27 -2.66
N ILE B 110 -10.81 -7.79 -3.65
CA ILE B 110 -9.76 -8.79 -3.46
C ILE B 110 -8.44 -8.11 -3.76
N LEU B 111 -7.55 -8.03 -2.77
CA LEU B 111 -6.29 -7.31 -2.91
C LEU B 111 -5.07 -8.23 -3.05
N ASN B 112 -4.27 -7.94 -4.05
CA ASN B 112 -2.92 -8.50 -4.21
C ASN B 112 -1.88 -7.42 -3.89
N GLU B 113 -0.61 -7.80 -3.99
CA GLU B 113 0.50 -6.95 -3.57
C GLU B 113 0.54 -5.60 -4.29
N GLN B 114 0.18 -5.61 -5.58
CA GLN B 114 0.17 -4.42 -6.43
C GLN B 114 -0.73 -3.29 -5.93
N ARG B 115 -1.80 -3.64 -5.22
CA ARG B 115 -2.77 -2.66 -4.75
C ARG B 115 -2.46 -2.18 -3.33
N MET B 116 -1.34 -2.67 -2.78
CA MET B 116 -0.91 -2.34 -1.43
C MET B 116 0.32 -1.43 -1.53
N LYS B 117 0.09 -0.22 -2.01
CA LYS B 117 1.18 0.67 -2.41
C LYS B 117 1.81 1.38 -1.23
N GLU B 118 0.99 1.99 -0.38
CA GLU B 118 1.46 2.71 0.79
C GLU B 118 2.07 1.71 1.78
N SER B 119 3.31 1.97 2.19
CA SER B 119 4.09 1.00 2.97
C SER B 119 3.43 0.63 4.30
N SER B 120 2.82 1.61 4.97
CA SER B 120 2.11 1.35 6.23
C SER B 120 0.95 0.38 6.02
N PHE B 121 0.17 0.60 4.96
CA PHE B 121 -0.95 -0.28 4.60
C PHE B 121 -0.45 -1.65 4.15
N TYR B 122 0.68 -1.69 3.46
CA TYR B 122 1.28 -2.96 3.08
C TYR B 122 1.72 -3.76 4.31
N SER B 123 2.33 -3.09 5.29
CA SER B 123 2.72 -3.73 6.56
C SER B 123 1.52 -4.30 7.30
N LEU B 124 0.42 -3.55 7.33
CA LEU B 124 -0.82 -4.01 7.95
C LEU B 124 -1.33 -5.29 7.27
N CYS B 125 -1.30 -5.32 5.94
CA CYS B 125 -1.78 -6.48 5.17
C CYS B 125 -0.90 -7.70 5.41
N LEU B 126 0.41 -7.49 5.52
CA LEU B 126 1.33 -8.57 5.85
C LEU B 126 0.98 -9.18 7.21
N THR B 127 0.61 -8.32 8.16
CA THR B 127 0.18 -8.78 9.48
C THR B 127 -1.09 -9.61 9.36
N MET B 128 -2.08 -9.06 8.67
CA MET B 128 -3.35 -9.75 8.48
C MET B 128 -3.17 -11.07 7.73
N TRP B 129 -2.17 -11.12 6.84
CA TRP B 129 -1.88 -12.32 6.05
C TRP B 129 -1.45 -13.53 6.88
N GLN B 130 -0.97 -13.29 8.10
CA GLN B 130 -0.51 -14.39 8.97
C GLN B 130 -1.63 -15.40 9.23
N ILE B 131 -2.87 -14.93 9.27
CA ILE B 131 -4.00 -15.79 9.60
C ILE B 131 -4.30 -16.79 8.47
N PRO B 132 -4.53 -16.32 7.23
CA PRO B 132 -4.72 -17.34 6.17
C PRO B 132 -3.51 -18.27 6.01
N GLN B 133 -2.30 -17.74 6.24
CA GLN B 133 -1.09 -18.56 6.19
C GLN B 133 -1.12 -19.69 7.22
N GLU B 134 -1.60 -19.41 8.43
CA GLU B 134 -1.77 -20.46 9.45
C GLU B 134 -2.87 -21.45 9.08
N PHE B 135 -3.96 -20.94 8.50
CA PHE B 135 -5.04 -21.79 8.02
C PHE B 135 -4.56 -22.79 6.97
N VAL B 136 -3.78 -22.31 5.99
CA VAL B 136 -3.17 -23.16 4.98
C VAL B 136 -2.22 -24.19 5.63
N LYS B 137 -1.37 -23.72 6.53
CA LYS B 137 -0.40 -24.57 7.22
C LYS B 137 -1.06 -25.67 8.06
N LEU B 138 -2.03 -25.27 8.89
CA LEU B 138 -2.73 -26.20 9.77
C LEU B 138 -3.89 -26.95 9.06
N GLN B 139 -4.22 -26.57 7.84
CA GLN B 139 -5.42 -27.10 7.16
C GLN B 139 -6.66 -27.09 8.06
N VAL B 140 -6.99 -25.90 8.56
CA VAL B 140 -8.17 -25.70 9.41
C VAL B 140 -9.44 -26.06 8.63
N SER B 141 -10.31 -26.86 9.26
CA SER B 141 -11.58 -27.23 8.66
C SER B 141 -12.63 -26.17 8.93
N GLN B 142 -13.70 -26.18 8.16
CA GLN B 142 -14.84 -25.30 8.40
C GLN B 142 -15.42 -25.51 9.81
N GLU B 143 -15.46 -26.77 10.24
CA GLU B 143 -16.01 -27.10 11.56
C GLU B 143 -15.18 -26.48 12.70
N GLU B 144 -13.85 -26.58 12.59
CA GLU B 144 -12.94 -25.95 13.56
C GLU B 144 -13.01 -24.42 13.52
N PHE B 145 -13.04 -23.86 12.31
CA PHE B 145 -13.16 -22.42 12.10
C PHE B 145 -14.39 -21.82 12.79
N LEU B 146 -15.53 -22.49 12.61
CA LEU B 146 -16.80 -21.98 13.14
C LEU B 146 -16.79 -21.95 14.68
N CYS B 147 -16.24 -22.98 15.30
CA CYS B 147 -16.11 -23.02 16.77
C CYS B 147 -15.07 -22.01 17.27
N MET B 148 -13.95 -21.90 16.57
CA MET B 148 -12.93 -20.90 16.91
C MET B 148 -13.48 -19.48 16.83
N LYS B 149 -14.32 -19.23 15.83
CA LYS B 149 -14.89 -17.91 15.65
C LYS B 149 -15.79 -17.50 16.83
N VAL B 150 -16.57 -18.43 17.36
CA VAL B 150 -17.37 -18.18 18.56
C VAL B 150 -16.45 -17.89 19.74
N LEU B 151 -15.38 -18.66 19.89
CA LEU B 151 -14.42 -18.44 20.97
C LEU B 151 -13.76 -17.05 20.89
N LEU B 152 -13.54 -16.55 19.68
CA LEU B 152 -13.03 -15.19 19.48
C LEU B 152 -13.99 -14.14 20.02
N LEU B 153 -15.28 -14.33 19.77
CA LEU B 153 -16.31 -13.46 20.31
C LEU B 153 -16.25 -13.43 21.85
N LEU B 154 -15.88 -14.56 22.43
CA LEU B 154 -15.87 -14.71 23.87
C LEU B 154 -14.45 -14.63 24.47
N ASN B 155 -13.53 -13.98 23.77
CA ASN B 155 -12.12 -14.05 24.16
C ASN B 155 -11.55 -12.86 24.94
N THR B 156 -12.36 -11.84 25.15
CA THR B 156 -11.98 -10.67 25.96
C THR B 156 -13.17 -10.23 26.80
N ILE B 157 -12.93 -9.99 28.09
CA ILE B 157 -13.96 -9.52 29.01
C ILE B 157 -13.47 -8.28 29.76
N PRO B 158 -14.41 -7.49 30.32
CA PRO B 158 -13.99 -6.31 31.08
C PRO B 158 -13.16 -6.70 32.30
N LEU B 159 -12.34 -5.78 32.79
CA LEU B 159 -11.53 -6.03 33.98
C LEU B 159 -12.37 -6.47 35.17
N GLU B 160 -13.56 -5.88 35.30
CA GLU B 160 -14.48 -6.22 36.39
C GLU B 160 -15.31 -7.46 36.09
N GLY B 161 -15.14 -8.04 34.89
CA GLY B 161 -15.93 -9.18 34.46
C GLY B 161 -17.24 -8.74 33.86
N LEU B 162 -18.08 -9.70 33.51
CA LEU B 162 -19.36 -9.43 32.88
C LEU B 162 -20.48 -9.52 33.91
N ARG B 163 -21.63 -8.95 33.57
CA ARG B 163 -22.82 -9.09 34.40
C ARG B 163 -23.28 -10.55 34.48
N SER B 164 -23.23 -11.23 33.34
CA SER B 164 -23.65 -12.63 33.25
C SER B 164 -22.42 -13.54 33.20
N GLN B 165 -21.51 -13.34 34.15
CA GLN B 165 -20.22 -14.03 34.13
C GLN B 165 -20.38 -15.55 34.18
N THR B 166 -21.31 -16.02 35.02
CA THR B 166 -21.55 -17.46 35.14
C THR B 166 -22.05 -18.08 33.83
N GLN B 167 -23.04 -17.45 33.20
CA GLN B 167 -23.55 -17.94 31.93
C GLN B 167 -22.50 -17.83 30.82
N PHE B 168 -21.71 -16.75 30.84
CA PHE B 168 -20.61 -16.57 29.88
C PHE B 168 -19.60 -17.71 29.94
N GLU B 169 -19.20 -18.08 31.16
CA GLU B 169 -18.26 -19.18 31.35
C GLU B 169 -18.84 -20.52 30.89
N GLU B 170 -20.13 -20.76 31.16
CA GLU B 170 -20.79 -22.00 30.69
C GLU B 170 -20.83 -22.04 29.15
N MET B 171 -21.13 -20.90 28.53
CA MET B 171 -21.16 -20.79 27.08
C MET B 171 -19.78 -21.02 26.47
N ARG B 172 -18.77 -20.38 27.05
CA ARG B 172 -17.41 -20.55 26.57
C ARG B 172 -16.95 -22.03 26.65
N SER B 173 -17.22 -22.67 27.78
CA SER B 173 -16.93 -24.09 27.95
C SER B 173 -17.66 -24.97 26.95
N SER B 174 -18.89 -24.61 26.61
CA SER B 174 -19.67 -25.39 25.64
C SER B 174 -19.02 -25.32 24.27
N TYR B 175 -18.56 -24.14 23.88
CA TYR B 175 -17.93 -23.97 22.57
C TYR B 175 -16.50 -24.55 22.53
N ILE B 176 -15.82 -24.55 23.66
CA ILE B 176 -14.53 -25.26 23.80
C ILE B 176 -14.76 -26.77 23.61
N ARG B 177 -15.82 -27.30 24.23
CA ARG B 177 -16.16 -28.73 24.02
C ARG B 177 -16.51 -28.99 22.56
N GLU B 178 -17.13 -28.03 21.90
CA GLU B 178 -17.57 -28.20 20.53
C GLU B 178 -16.40 -28.18 19.53
N LEU B 179 -15.41 -27.34 19.81
CA LEU B 179 -14.16 -27.32 19.05
C LEU B 179 -13.45 -28.66 19.17
N ILE B 180 -13.49 -29.24 20.36
CA ILE B 180 -12.90 -30.55 20.60
C ILE B 180 -13.60 -31.61 19.76
N LYS B 181 -14.93 -31.54 19.66
CA LYS B 181 -15.68 -32.40 18.74
C LYS B 181 -15.27 -32.14 17.28
N ALA B 182 -15.14 -30.87 16.91
CA ALA B 182 -14.74 -30.45 15.56
C ALA B 182 -13.41 -31.07 15.18
N ILE B 183 -12.46 -31.00 16.12
CA ILE B 183 -11.14 -31.59 15.94
C ILE B 183 -11.24 -33.12 15.79
N GLY B 184 -12.10 -33.73 16.61
CA GLY B 184 -12.30 -35.19 16.60
C GLY B 184 -12.93 -35.75 15.34
N LEU B 185 -13.58 -34.90 14.54
CA LEU B 185 -14.13 -35.31 13.25
C LEU B 185 -13.07 -35.84 12.28
N ARG B 186 -11.85 -35.32 12.37
CA ARG B 186 -10.76 -35.71 11.48
C ARG B 186 -9.52 -36.22 12.22
N GLN B 187 -9.12 -35.52 13.28
CA GLN B 187 -7.97 -35.95 14.09
C GLN B 187 -8.38 -37.11 15.00
N LYS B 188 -7.94 -38.31 14.64
CA LYS B 188 -8.21 -39.51 15.40
C LYS B 188 -7.04 -39.76 16.36
N GLY B 189 -7.34 -40.29 17.53
CA GLY B 189 -6.32 -40.58 18.54
C GLY B 189 -6.15 -39.43 19.50
N VAL B 190 -5.89 -39.76 20.77
CA VAL B 190 -5.85 -38.75 21.84
C VAL B 190 -4.65 -37.82 21.71
N VAL B 191 -3.51 -38.35 21.27
CA VAL B 191 -2.28 -37.57 21.14
C VAL B 191 -2.43 -36.50 20.05
N SER B 192 -2.76 -36.95 18.84
CA SER B 192 -2.97 -36.04 17.70
C SER B 192 -4.08 -35.00 17.98
N SER B 193 -5.17 -35.44 18.61
CA SER B 193 -6.29 -34.56 18.95
C SER B 193 -5.91 -33.48 19.97
N SER B 194 -5.19 -33.88 21.01
CA SER B 194 -4.71 -32.93 22.04
C SER B 194 -3.73 -31.93 21.44
N GLN B 195 -2.82 -32.42 20.60
CA GLN B 195 -1.84 -31.56 19.95
C GLN B 195 -2.52 -30.56 19.03
N ARG B 196 -3.56 -30.97 18.32
CA ARG B 196 -4.26 -30.01 17.45
C ARG B 196 -5.04 -28.99 18.27
N PHE B 197 -5.58 -29.42 19.40
CA PHE B 197 -6.29 -28.52 20.29
C PHE B 197 -5.33 -27.45 20.76
N TYR B 198 -4.12 -27.86 21.13
CA TYR B 198 -3.08 -26.92 21.51
C TYR B 198 -2.76 -25.95 20.37
N GLN B 199 -2.62 -26.46 19.16
CA GLN B 199 -2.28 -25.61 18.02
C GLN B 199 -3.38 -24.58 17.74
N LEU B 200 -4.63 -25.04 17.68
CA LEU B 200 -5.73 -24.14 17.38
C LEU B 200 -5.96 -23.09 18.48
N THR B 201 -5.80 -23.49 19.74
CA THR B 201 -6.02 -22.57 20.85
C THR B 201 -4.85 -21.60 21.03
N LYS B 202 -3.63 -22.05 20.74
CA LYS B 202 -2.48 -21.15 20.66
C LYS B 202 -2.66 -20.10 19.54
N LEU B 203 -3.24 -20.51 18.42
CA LEU B 203 -3.58 -19.56 17.34
C LEU B 203 -4.53 -18.47 17.85
N LEU B 204 -5.57 -18.85 18.57
CA LEU B 204 -6.48 -17.88 19.18
C LEU B 204 -5.74 -16.93 20.14
N ASP B 205 -4.89 -17.49 21.00
CA ASP B 205 -4.08 -16.68 21.94
C ASP B 205 -3.25 -15.65 21.16
N ASN B 206 -2.61 -16.09 20.08
CA ASN B 206 -1.76 -15.23 19.25
C ASN B 206 -2.52 -14.11 18.52
N LEU B 207 -3.83 -14.27 18.34
CA LEU B 207 -4.63 -13.22 17.70
C LEU B 207 -4.74 -11.92 18.49
N HIS B 208 -4.67 -12.01 19.82
CA HIS B 208 -4.70 -10.82 20.68
C HIS B 208 -3.60 -9.83 20.26
N ASP B 209 -2.38 -10.32 20.11
CA ASP B 209 -1.25 -9.46 19.71
C ASP B 209 -1.39 -8.95 18.29
N LEU B 210 -1.88 -9.81 17.40
CA LEU B 210 -2.09 -9.43 16.01
C LEU B 210 -3.17 -8.34 15.91
N VAL B 211 -4.28 -8.55 16.59
CA VAL B 211 -5.40 -7.62 16.54
C VAL B 211 -5.04 -6.25 17.15
N LYS B 212 -4.13 -6.25 18.12
CA LYS B 212 -3.65 -5.00 18.68
C LYS B 212 -3.08 -4.06 17.59
N GLN B 213 -2.32 -4.61 16.65
CA GLN B 213 -1.76 -3.82 15.56
C GLN B 213 -2.89 -3.23 14.69
N LEU B 214 -3.92 -4.02 14.44
CA LEU B 214 -5.08 -3.55 13.64
C LEU B 214 -5.85 -2.46 14.38
N HIS B 215 -6.06 -2.65 15.67
CA HIS B 215 -6.68 -1.64 16.50
C HIS B 215 -5.93 -0.31 16.42
N LEU B 216 -4.61 -0.36 16.54
CA LEU B 216 -3.78 0.84 16.52
C LEU B 216 -3.91 1.54 15.17
N TYR B 217 -3.80 0.77 14.10
CA TYR B 217 -3.88 1.31 12.74
C TYR B 217 -5.23 1.96 12.55
N CYS B 218 -6.27 1.30 13.02
CA CYS B 218 -7.64 1.79 12.90
C CYS B 218 -7.82 3.14 13.60
N LEU B 219 -7.43 3.22 14.87
CA LEU B 219 -7.57 4.45 15.63
C LEU B 219 -6.76 5.59 15.03
N ASN B 220 -5.52 5.31 14.62
CA ASN B 220 -4.71 6.31 13.91
C ASN B 220 -5.43 6.88 12.70
N THR B 221 -5.96 5.99 11.88
CA THR B 221 -6.65 6.40 10.66
C THR B 221 -7.92 7.18 10.98
N PHE B 222 -8.63 6.73 12.01
CA PHE B 222 -9.84 7.41 12.51
C PHE B 222 -9.56 8.87 12.90
N ILE B 223 -8.58 9.06 13.78
CA ILE B 223 -8.18 10.41 14.24
C ILE B 223 -7.64 11.30 13.12
N GLN B 224 -7.05 10.70 12.10
CA GLN B 224 -6.54 11.46 10.95
C GLN B 224 -7.51 11.46 9.75
N SER B 225 -8.73 10.98 9.95
CA SER B 225 -9.65 10.69 8.85
C SER B 225 -9.81 11.87 7.88
N ARG B 226 -10.06 13.07 8.41
CA ARG B 226 -10.26 14.26 7.58
C ARG B 226 -9.00 14.67 6.83
N ALA B 227 -7.83 14.51 7.46
CA ALA B 227 -6.55 14.79 6.81
C ALA B 227 -6.25 13.81 5.67
N LEU B 228 -6.69 12.57 5.83
CA LEU B 228 -6.47 11.51 4.84
C LEU B 228 -7.58 11.42 3.79
N SER B 229 -8.64 12.20 3.97
CA SER B 229 -9.87 12.06 3.19
C SER B 229 -10.39 10.61 3.23
N VAL B 230 -10.43 10.03 4.43
CA VAL B 230 -10.89 8.67 4.64
C VAL B 230 -12.22 8.71 5.40
N GLU B 231 -13.23 8.05 4.83
CA GLU B 231 -14.59 8.08 5.38
C GLU B 231 -14.80 6.91 6.33
N PHE B 232 -15.38 7.20 7.50
CA PHE B 232 -15.79 6.17 8.46
C PHE B 232 -17.30 6.25 8.63
N PRO B 233 -18.03 5.18 8.26
CA PRO B 233 -19.48 5.12 8.47
C PRO B 233 -19.88 5.14 9.95
N GLU B 234 -21.17 5.33 10.20
CA GLU B 234 -21.67 5.67 11.53
C GLU B 234 -21.54 4.55 12.57
N MET B 235 -21.90 3.32 12.22
CA MET B 235 -21.87 2.23 13.21
C MET B 235 -20.41 1.88 13.57
N MET B 236 -19.55 1.88 12.56
CA MET B 236 -18.11 1.68 12.74
CA MET B 236 -18.12 1.64 12.77
C MET B 236 -17.52 2.72 13.66
N SER B 237 -17.84 3.99 13.38
CA SER B 237 -17.33 5.13 14.16
C SER B 237 -17.71 5.01 15.62
N GLU B 238 -18.93 4.55 15.90
CA GLU B 238 -19.37 4.38 17.27
C GLU B 238 -18.61 3.30 18.02
N VAL B 239 -18.37 2.13 17.41
CA VAL B 239 -17.64 1.05 18.11
C VAL B 239 -16.22 1.48 18.40
N ILE B 240 -15.63 2.23 17.47
CA ILE B 240 -14.26 2.75 17.60
C ILE B 240 -14.20 3.77 18.72
N ALA B 241 -15.11 4.73 18.68
CA ALA B 241 -15.20 5.74 19.73
C ALA B 241 -15.56 5.12 21.09
N ALA B 242 -16.40 4.09 21.08
CA ALA B 242 -16.90 3.51 22.35
C ALA B 242 -15.84 2.77 23.16
N GLN B 243 -14.92 2.07 22.50
CA GLN B 243 -14.01 1.18 23.22
C GLN B 243 -12.56 1.13 22.74
N LEU B 244 -12.24 1.61 21.54
CA LEU B 244 -10.90 1.32 20.99
C LEU B 244 -9.76 1.90 21.82
N PRO B 245 -9.84 3.18 22.23
CA PRO B 245 -8.77 3.71 23.09
C PRO B 245 -8.61 2.89 24.37
N LYS B 246 -9.71 2.50 24.99
CA LYS B 246 -9.69 1.72 26.23
C LYS B 246 -9.08 0.33 25.99
N ILE B 247 -9.43 -0.30 24.87
CA ILE B 247 -8.85 -1.59 24.48
C ILE B 247 -7.35 -1.47 24.22
N LEU B 248 -6.95 -0.45 23.45
CA LEU B 248 -5.52 -0.23 23.17
C LEU B 248 -4.73 0.04 24.44
N ALA B 249 -5.32 0.79 25.37
CA ALA B 249 -4.70 1.05 26.67
C ALA B 249 -4.56 -0.21 27.55
N GLY B 250 -5.11 -1.33 27.10
CA GLY B 250 -5.02 -2.58 27.85
C GLY B 250 -5.93 -2.63 29.06
N MET B 251 -7.03 -1.87 29.03
CA MET B 251 -7.98 -1.82 30.14
C MET B 251 -9.10 -2.84 29.98
N VAL B 252 -8.73 -4.05 29.55
CA VAL B 252 -9.65 -5.15 29.38
C VAL B 252 -8.89 -6.42 29.74
N LYS B 253 -9.60 -7.53 29.89
CA LYS B 253 -8.97 -8.81 30.21
C LYS B 253 -9.01 -9.74 29.01
N PRO B 254 -7.89 -9.83 28.26
CA PRO B 254 -7.85 -10.85 27.21
C PRO B 254 -7.78 -12.24 27.84
N LEU B 255 -8.61 -13.17 27.36
CA LEU B 255 -8.58 -14.53 27.88
C LEU B 255 -7.56 -15.37 27.10
N LEU B 256 -6.81 -16.19 27.83
CA LEU B 256 -5.75 -17.02 27.25
C LEU B 256 -5.96 -18.49 27.58
N PHE B 257 -5.77 -19.35 26.59
CA PHE B 257 -5.74 -20.79 26.82
C PHE B 257 -4.42 -21.27 27.41
N HIS B 258 -3.33 -20.53 27.16
CA HIS B 258 -2.01 -20.96 27.59
C HIS B 258 -1.27 -19.87 28.38
N LYS B 259 -0.53 -20.32 29.39
CA LYS B 259 0.09 -19.44 30.38
C LYS B 259 1.22 -18.58 29.82
N LYS B 260 2.00 -18.00 30.58
O30 486 C . 10.18 15.29 -6.30
C2 486 C . 11.39 15.30 -6.23
C1 486 C . 12.01 14.91 -4.92
C3 486 C . 12.15 15.68 -7.34
C4 486 C . 13.49 15.82 -7.27
C7 486 C . 14.24 16.12 -8.54
C5 486 C . 14.23 15.69 -5.98
C6 486 C . 13.47 15.32 -4.73
C10 486 C . 15.56 15.96 -5.90
C14 486 C . 16.28 15.87 -4.53
C18 486 C . 16.68 14.42 -4.19
C22 486 C . 16.38 13.32 -4.98
C23 486 C . 16.73 12.02 -4.60
C24 486 C . 17.40 11.79 -3.40
N27 486 C . 17.74 10.47 -3.00
C29 486 C . 17.90 9.37 -3.95
C28 486 C . 17.63 10.12 -1.59
C25 486 C . 17.68 12.88 -2.58
C26 486 C . 17.31 14.17 -2.97
C13 486 C . 17.44 16.89 -4.38
C12 486 C . 18.31 16.95 -5.62
C19 486 C . 18.94 15.57 -5.89
C17 486 C . 19.39 18.05 -5.66
C31 486 C . 18.93 19.37 -5.18
C30 486 C . 18.58 20.43 -4.85
C32 486 C . 18.19 21.80 -4.48
O3 486 C . 20.56 17.69 -4.97
C16 486 C . 19.69 18.17 -7.17
C15 486 C . 18.41 17.69 -7.89
C11 486 C . 17.40 17.40 -6.78
C9 486 C . 16.35 16.36 -7.13
C8 486 C . 15.47 16.95 -8.22
S SO4 D . 5.00 -9.62 -15.74
O1 SO4 D . 4.90 -9.40 -17.18
O2 SO4 D . 3.68 -9.78 -15.19
O3 SO4 D . 5.78 -10.82 -15.48
O4 SO4 D . 5.73 -8.54 -15.11
O22 NDR E . -13.27 -8.13 5.78
C21 NDR E . -12.94 -7.21 6.50
C20 NDR E . -13.78 -5.95 6.55
C19 NDR E . -11.71 -7.27 7.29
C17 NDR E . -11.31 -6.21 8.01
C15 NDR E . -10.15 -6.43 8.94
C14 NDR E . -12.01 -4.88 7.97
C18 NDR E . -12.89 -4.73 6.74
C8 NDR E . -10.98 -3.73 7.95
C3 NDR E . -9.96 -3.93 9.08
C9 NDR E . -9.21 -5.23 8.85
C13 NDR E . -11.63 -2.35 8.06
C6 NDR E . -10.59 -1.22 8.04
C2 NDR E . -9.59 -1.42 9.17
C1 NDR E . -8.93 -2.81 8.98
C7 NDR E . -10.36 -1.30 10.50
C5 NDR E . -8.31 -0.53 9.17
O12 NDR E . -8.55 0.74 9.77
C10 NDR E . -7.34 -1.31 10.07
C4 NDR E . -7.85 -2.78 10.06
C11 NDR E . -7.74 -0.33 7.82
C16 NDR E . -7.24 -0.20 6.76
C1 EDO F . -17.46 -21.60 2.65
O1 EDO F . -17.05 -21.94 4.00
C2 EDO F . -16.79 -20.29 2.24
O2 EDO F . -16.71 -20.22 0.81
#